data_7S85
#
_entry.id   7S85
#
_cell.length_a   53.867
_cell.length_b   70.509
_cell.length_c   72.232
_cell.angle_alpha   90.000
_cell.angle_beta   90.000
_cell.angle_gamma   90.000
#
_symmetry.space_group_name_H-M   'P 21 21 21'
#
loop_
_entity.id
_entity.type
_entity.pdbx_description
1 polymer 'Cyclin-dependent kinase 2'
2 non-polymer 1,2-ETHANEDIOL
3 non-polymer '2-{[2-(1H-indol-3-yl)ethyl]amino}-5-(trifluoromethoxy)benzoic acid'
4 water water
#
_entity_poly.entity_id   1
_entity_poly.type   'polypeptide(L)'
_entity_poly.pdbx_seq_one_letter_code
;MENFQKVEKIGEGTYGVVYKARNKLTGEVVALKKIRLDTETEGVPSTAIREISLLKELNHPNIVKLLDVIHTENKLYLVF
EFLHQDLKKFMDASALTGIPLPLIKSYLFQLLQGLAFCHSHRVLHRDLKPQNLLINTEGAIKLADFGLARAFGVPVRTYT
HEVVTLWYRAPEILLGCKYYSTAVDIWSLGCIFAEMVTRRALFPGDSEIDQLFRIFRTLGTPDEVVWPGVTSMPDYKPSF
PKWARQDFSKVVPPLDEDGRSLLSQMLHYDPNKRISAKAALAHPFFQDVTKPVPHLRL
;
_entity_poly.pdbx_strand_id   A
#
loop_
_chem_comp.id
_chem_comp.type
_chem_comp.name
_chem_comp.formula
8IQ non-polymer '2-{[2-(1H-indol-3-yl)ethyl]amino}-5-(trifluoromethoxy)benzoic acid' 'C18 H15 F3 N2 O3'
EDO non-polymer 1,2-ETHANEDIOL 'C2 H6 O2'
#
# COMPACT_ATOMS: atom_id res chain seq x y z
N ASN A 3 -19.49 7.74 -23.87
CA ASN A 3 -18.28 7.15 -24.42
C ASN A 3 -18.06 5.72 -23.93
N PHE A 4 -18.66 5.39 -22.79
CA PHE A 4 -18.47 4.08 -22.18
C PHE A 4 -19.80 3.49 -21.77
N GLN A 5 -19.86 2.17 -21.73
CA GLN A 5 -20.96 1.44 -21.13
C GLN A 5 -20.50 1.02 -19.75
N LYS A 6 -21.13 1.58 -18.72
CA LYS A 6 -20.85 1.12 -17.35
C LYS A 6 -21.28 -0.33 -17.22
N VAL A 7 -20.42 -1.14 -16.61
CA VAL A 7 -20.60 -2.58 -16.58
C VAL A 7 -20.91 -3.06 -15.16
N GLU A 8 -20.18 -2.51 -14.17
CA GLU A 8 -20.51 -2.67 -12.76
C GLU A 8 -19.68 -1.65 -11.97
N LYS A 9 -20.08 -1.41 -10.73
CA LYS A 9 -19.34 -0.53 -9.84
C LYS A 9 -18.29 -1.36 -9.12
N ILE A 10 -17.03 -1.01 -9.31
CA ILE A 10 -15.94 -1.79 -8.72
C ILE A 10 -15.74 -1.43 -7.26
N GLY A 11 -15.89 -0.15 -6.90
CA GLY A 11 -15.61 0.25 -5.54
C GLY A 11 -15.83 1.74 -5.34
N GLU A 12 -15.45 2.20 -4.14
CA GLU A 12 -15.70 3.56 -3.67
C GLU A 12 -14.40 4.26 -3.28
N GLY A 13 -14.21 4.51 -1.98
CA GLY A 13 -13.14 5.36 -1.50
C GLY A 13 -13.53 6.82 -1.54
N THR A 14 -13.35 7.56 -0.45
CA THR A 14 -13.90 8.92 -0.37
C THR A 14 -13.14 9.92 -1.25
N TYR A 15 -12.44 9.42 -2.27
CA TYR A 15 -11.96 10.24 -3.38
C TYR A 15 -12.92 10.21 -4.56
N GLY A 16 -13.51 9.06 -4.85
CA GLY A 16 -14.44 8.96 -5.97
C GLY A 16 -14.95 7.54 -6.10
N VAL A 17 -15.62 7.29 -7.22
CA VAL A 17 -16.22 5.99 -7.49
C VAL A 17 -15.50 5.39 -8.69
N VAL A 18 -15.36 4.05 -8.70
CA VAL A 18 -14.67 3.34 -9.76
C VAL A 18 -15.63 2.36 -10.41
N TYR A 19 -15.66 2.34 -11.74
CA TYR A 19 -16.54 1.45 -12.48
C TYR A 19 -15.75 0.57 -13.42
N LYS A 20 -16.21 -0.67 -13.60
CA LYS A 20 -15.81 -1.45 -14.76
C LYS A 20 -16.62 -0.94 -15.94
N ALA A 21 -15.96 -0.65 -17.05
CA ALA A 21 -16.61 -0.03 -18.19
C ALA A 21 -16.00 -0.56 -19.47
N ARG A 22 -16.79 -0.53 -20.53
CA ARG A 22 -16.38 -1.02 -21.83
C ARG A 22 -16.41 0.14 -22.81
N ASN A 23 -15.28 0.40 -23.46
CA ASN A 23 -15.25 1.43 -24.49
C ASN A 23 -16.25 1.09 -25.58
N LYS A 24 -17.23 1.98 -25.78
CA LYS A 24 -18.30 1.69 -26.75
C LYS A 24 -17.76 1.39 -28.14
N LEU A 25 -16.64 2.00 -28.53
CA LEU A 25 -16.13 1.85 -29.89
C LEU A 25 -15.11 0.73 -30.02
N THR A 26 -14.16 0.64 -29.11
CA THR A 26 -13.04 -0.29 -29.21
C THR A 26 -13.28 -1.60 -28.47
N GLY A 27 -14.19 -1.63 -27.51
CA GLY A 27 -14.41 -2.83 -26.75
C GLY A 27 -13.43 -3.08 -25.62
N GLU A 28 -12.42 -2.21 -25.43
CA GLU A 28 -11.55 -2.37 -24.27
C GLU A 28 -12.37 -2.31 -22.99
N VAL A 29 -12.13 -3.24 -22.07
CA VAL A 29 -12.69 -3.11 -20.73
C VAL A 29 -11.64 -2.45 -19.86
N VAL A 30 -12.08 -1.44 -19.10
CA VAL A 30 -11.20 -0.57 -18.34
C VAL A 30 -11.84 -0.32 -16.99
N ALA A 31 -11.03 0.19 -16.06
CA ALA A 31 -11.50 0.69 -14.79
C ALA A 31 -11.60 2.21 -14.92
N LEU A 32 -12.79 2.74 -14.69
CA LEU A 32 -13.06 4.16 -14.86
C LEU A 32 -13.24 4.79 -13.48
N LYS A 33 -12.41 5.75 -13.16
CA LYS A 33 -12.45 6.44 -11.86
C LYS A 33 -12.98 7.86 -12.04
N LYS A 34 -14.17 8.11 -11.52
CA LYS A 34 -14.76 9.44 -11.40
C LYS A 34 -14.43 10.07 -10.07
N ILE A 35 -13.91 11.30 -10.13
CA ILE A 35 -13.48 12.07 -8.97
C ILE A 35 -14.20 13.41 -9.03
N ARG A 36 -15.13 13.64 -8.09
CA ARG A 36 -15.70 14.97 -7.91
C ARG A 36 -14.65 15.98 -7.46
N LEU A 37 -14.86 17.24 -7.84
CA LEU A 37 -14.01 18.34 -7.43
C LEU A 37 -14.78 19.36 -6.60
N THR A 47 -1.69 22.62 -10.40
CA THR A 47 -0.59 22.18 -11.26
C THR A 47 -0.84 20.69 -11.57
N ALA A 48 -1.92 20.17 -10.99
CA ALA A 48 -2.15 18.73 -10.96
C ALA A 48 -2.30 18.16 -12.36
N ILE A 49 -3.18 18.77 -13.17
CA ILE A 49 -3.58 18.18 -14.45
C ILE A 49 -2.36 17.82 -15.28
N ARG A 50 -1.34 18.68 -15.28
CA ARG A 50 -0.15 18.40 -16.08
C ARG A 50 0.64 17.22 -15.52
N GLU A 51 0.97 17.23 -14.23
CA GLU A 51 1.88 16.21 -13.70
C GLU A 51 1.23 14.85 -13.63
N ILE A 52 -0.06 14.80 -13.27
CA ILE A 52 -0.84 13.57 -13.41
C ILE A 52 -0.64 12.97 -14.79
N SER A 53 -0.93 13.78 -15.82
CA SER A 53 -0.89 13.29 -17.19
C SER A 53 0.47 12.75 -17.57
N LEU A 54 1.54 13.25 -16.93
CA LEU A 54 2.87 12.67 -17.14
C LEU A 54 2.90 11.18 -16.86
N LEU A 55 2.07 10.72 -15.91
CA LEU A 55 2.11 9.33 -15.47
C LEU A 55 1.65 8.36 -16.56
N LYS A 56 0.89 8.83 -17.55
CA LYS A 56 0.47 7.96 -18.65
C LYS A 56 1.65 7.25 -19.31
N GLU A 57 2.79 7.93 -19.42
CA GLU A 57 3.93 7.38 -20.12
C GLU A 57 4.98 6.82 -19.19
N LEU A 58 4.74 6.87 -17.87
CA LEU A 58 5.64 6.31 -16.89
C LEU A 58 5.01 5.00 -16.41
N ASN A 59 5.63 3.87 -16.77
CA ASN A 59 5.00 2.58 -16.64
C ASN A 59 5.99 1.54 -16.15
N HIS A 60 5.45 0.54 -15.46
CA HIS A 60 6.20 -0.53 -14.84
C HIS A 60 5.27 -1.72 -14.71
N PRO A 61 5.77 -2.95 -14.85
CA PRO A 61 4.87 -4.11 -14.77
C PRO A 61 4.15 -4.24 -13.43
N ASN A 62 4.63 -3.60 -12.37
CA ASN A 62 3.97 -3.78 -11.09
C ASN A 62 3.23 -2.52 -10.65
N ILE A 63 2.89 -1.65 -11.60
CA ILE A 63 2.02 -0.50 -11.36
C ILE A 63 0.87 -0.56 -12.35
N VAL A 64 -0.34 -0.26 -11.88
CA VAL A 64 -1.47 -0.14 -12.78
C VAL A 64 -1.20 0.94 -13.81
N LYS A 65 -1.59 0.68 -15.07
CA LYS A 65 -1.37 1.64 -16.13
C LYS A 65 -2.51 2.66 -16.17
N LEU A 66 -2.15 3.94 -16.19
CA LEU A 66 -3.15 5.02 -16.36
C LEU A 66 -3.29 5.24 -17.87
N LEU A 67 -4.39 4.77 -18.45
CA LEU A 67 -4.61 4.86 -19.91
C LEU A 67 -4.87 6.30 -20.35
N ASP A 68 -5.80 6.99 -19.69
CA ASP A 68 -6.13 8.37 -20.10
C ASP A 68 -6.61 9.20 -18.92
N VAL A 69 -6.39 10.51 -19.02
CA VAL A 69 -6.83 11.50 -17.99
C VAL A 69 -7.79 12.45 -18.69
N ILE A 70 -9.01 12.59 -18.19
CA ILE A 70 -10.00 13.48 -18.88
C ILE A 70 -10.59 14.46 -17.88
N HIS A 71 -10.19 15.73 -17.97
CA HIS A 71 -10.79 16.80 -17.18
C HIS A 71 -11.89 17.46 -18.01
N THR A 72 -13.13 17.11 -17.69
CA THR A 72 -14.31 17.76 -18.25
C THR A 72 -15.25 18.05 -17.10
N GLU A 73 -16.09 19.07 -17.28
CA GLU A 73 -17.07 19.49 -16.26
C GLU A 73 -16.32 19.88 -14.99
N ASN A 74 -16.97 19.75 -13.83
CA ASN A 74 -16.34 19.94 -12.53
C ASN A 74 -15.93 18.61 -11.91
N LYS A 75 -15.44 17.68 -12.74
CA LYS A 75 -15.04 16.35 -12.31
C LYS A 75 -13.77 15.94 -13.04
N LEU A 76 -13.11 14.92 -12.47
CA LEU A 76 -11.87 14.40 -13.03
C LEU A 76 -12.01 12.89 -13.25
N TYR A 77 -11.94 12.47 -14.52
CA TYR A 77 -12.06 11.07 -14.90
C TYR A 77 -10.68 10.47 -15.16
N LEU A 78 -10.42 9.32 -14.55
CA LEU A 78 -9.16 8.59 -14.76
C LEU A 78 -9.48 7.21 -15.30
N VAL A 79 -8.88 6.87 -16.45
CA VAL A 79 -9.11 5.59 -17.11
C VAL A 79 -7.91 4.70 -16.83
N PHE A 80 -8.14 3.58 -16.14
CA PHE A 80 -7.08 2.66 -15.76
C PHE A 80 -7.30 1.31 -16.44
N GLU A 81 -6.20 0.60 -16.64
CA GLU A 81 -6.31 -0.80 -16.99
C GLU A 81 -7.12 -1.53 -15.91
N PHE A 82 -7.86 -2.54 -16.33
CA PHE A 82 -8.75 -3.30 -15.45
C PHE A 82 -8.12 -4.65 -15.11
N LEU A 83 -8.08 -4.97 -13.82
CA LEU A 83 -7.78 -6.31 -13.33
C LEU A 83 -8.95 -6.80 -12.49
N HIS A 84 -9.20 -8.12 -12.53
CA HIS A 84 -10.43 -8.69 -11.96
C HIS A 84 -10.40 -8.82 -10.44
N GLN A 85 -9.22 -8.92 -9.84
CA GLN A 85 -9.09 -9.25 -8.42
C GLN A 85 -8.11 -8.33 -7.72
N ASP A 86 -8.28 -8.20 -6.41
CA ASP A 86 -7.33 -7.49 -5.58
C ASP A 86 -6.90 -8.38 -4.42
N LEU A 87 -5.85 -7.94 -3.72
CA LEU A 87 -5.27 -8.75 -2.66
C LEU A 87 -6.21 -8.89 -1.47
N LYS A 88 -7.04 -7.88 -1.20
CA LYS A 88 -8.00 -8.03 -0.11
C LYS A 88 -8.95 -9.20 -0.38
N LYS A 89 -9.55 -9.22 -1.57
CA LYS A 89 -10.47 -10.31 -1.92
C LYS A 89 -9.76 -11.66 -1.89
N PHE A 90 -8.53 -11.71 -2.42
CA PHE A 90 -7.78 -12.96 -2.44
C PHE A 90 -7.48 -13.43 -1.02
N MET A 91 -7.15 -12.50 -0.12
CA MET A 91 -6.84 -12.87 1.25
C MET A 91 -8.06 -13.41 1.99
N ASP A 92 -9.22 -12.77 1.82
CA ASP A 92 -10.46 -13.30 2.38
C ASP A 92 -10.74 -14.69 1.84
N ALA A 93 -10.64 -14.87 0.52
CA ALA A 93 -10.90 -16.18 -0.07
C ALA A 93 -9.88 -17.22 0.38
N SER A 94 -8.75 -16.80 0.92
CA SER A 94 -7.70 -17.73 1.32
C SER A 94 -7.59 -17.89 2.84
N ALA A 95 -8.50 -17.29 3.59
CA ALA A 95 -8.45 -17.23 5.07
C ALA A 95 -8.34 -18.60 5.75
N LEU A 96 -8.99 -19.64 5.24
CA LEU A 96 -8.95 -20.96 5.93
C LEU A 96 -7.69 -21.73 5.55
N THR A 97 -7.18 -21.53 4.34
CA THR A 97 -5.98 -22.29 3.88
C THR A 97 -4.72 -21.47 4.14
N GLY A 98 -4.75 -20.19 3.79
CA GLY A 98 -3.57 -19.32 3.89
C GLY A 98 -2.89 -19.23 2.54
N ILE A 99 -2.31 -18.09 2.22
CA ILE A 99 -1.60 -18.00 0.94
C ILE A 99 -0.27 -18.73 1.09
N PRO A 100 0.08 -19.62 0.15
CA PRO A 100 1.37 -20.31 0.25
C PRO A 100 2.51 -19.31 0.31
N LEU A 101 3.50 -19.63 1.13
CA LEU A 101 4.66 -18.75 1.27
C LEU A 101 5.30 -18.36 -0.06
N PRO A 102 5.52 -19.26 -1.03
CA PRO A 102 6.14 -18.84 -2.29
C PRO A 102 5.37 -17.75 -2.99
N LEU A 103 4.05 -17.73 -2.86
CA LEU A 103 3.25 -16.70 -3.50
C LEU A 103 3.29 -15.39 -2.70
N ILE A 104 3.21 -15.48 -1.37
CA ILE A 104 3.45 -14.31 -0.51
C ILE A 104 4.77 -13.65 -0.91
N LYS A 105 5.83 -14.47 -1.02
CA LYS A 105 7.15 -13.97 -1.34
C LYS A 105 7.19 -13.30 -2.71
N SER A 106 6.60 -13.94 -3.71
CA SER A 106 6.54 -13.35 -5.05
C SER A 106 5.78 -12.03 -5.05
N TYR A 107 4.64 -11.99 -4.35
CA TYR A 107 3.86 -10.76 -4.29
C TYR A 107 4.66 -9.65 -3.59
N LEU A 108 5.29 -9.97 -2.46
CA LEU A 108 6.10 -8.96 -1.76
C LEU A 108 7.21 -8.44 -2.67
N PHE A 109 7.97 -9.34 -3.28
CA PHE A 109 9.03 -8.98 -4.23
C PHE A 109 8.53 -8.05 -5.32
N GLN A 110 7.40 -8.41 -5.96
CA GLN A 110 6.88 -7.58 -7.05
C GLN A 110 6.46 -6.20 -6.52
N LEU A 111 5.85 -6.17 -5.34
CA LEU A 111 5.40 -4.88 -4.83
C LEU A 111 6.59 -4.00 -4.51
N LEU A 112 7.66 -4.59 -3.97
CA LEU A 112 8.88 -3.84 -3.74
C LEU A 112 9.49 -3.37 -5.06
N GLN A 113 9.40 -4.18 -6.12
CA GLN A 113 9.85 -3.71 -7.43
C GLN A 113 9.03 -2.50 -7.88
N GLY A 114 7.71 -2.56 -7.72
CA GLY A 114 6.87 -1.43 -8.09
C GLY A 114 7.22 -0.18 -7.30
N LEU A 115 7.42 -0.33 -5.98
CA LEU A 115 7.73 0.83 -5.15
C LEU A 115 9.09 1.40 -5.50
N ALA A 116 10.08 0.54 -5.70
CA ALA A 116 11.41 1.03 -6.03
C ALA A 116 11.37 1.85 -7.31
N PHE A 117 10.58 1.40 -8.28
CA PHE A 117 10.39 2.17 -9.50
C PHE A 117 9.80 3.54 -9.18
N CYS A 118 8.65 3.60 -8.53
CA CYS A 118 8.02 4.92 -8.39
C CYS A 118 8.77 5.78 -7.36
N HIS A 119 9.41 5.16 -6.36
CA HIS A 119 10.29 5.92 -5.47
C HIS A 119 11.51 6.46 -6.23
N SER A 120 12.04 5.70 -7.19
CA SER A 120 13.16 6.18 -8.00
C SER A 120 12.76 7.40 -8.83
N HIS A 121 11.49 7.47 -9.24
CA HIS A 121 10.96 8.66 -9.89
C HIS A 121 10.39 9.65 -8.89
N ARG A 122 10.70 9.46 -7.60
CA ARG A 122 10.25 10.30 -6.51
C ARG A 122 8.73 10.48 -6.51
N VAL A 123 8.01 9.38 -6.74
CA VAL A 123 6.55 9.35 -6.61
C VAL A 123 6.21 8.48 -5.41
N LEU A 124 5.37 8.97 -4.50
CA LEU A 124 4.92 8.24 -3.33
C LEU A 124 3.53 7.67 -3.57
N HIS A 125 3.21 6.56 -2.92
CA HIS A 125 1.83 6.07 -2.95
C HIS A 125 0.98 6.68 -1.84
N ARG A 126 1.48 6.60 -0.59
CA ARG A 126 0.93 7.25 0.59
C ARG A 126 -0.26 6.51 1.21
N ASP A 127 -0.89 5.58 0.48
CA ASP A 127 -2.13 5.00 0.99
C ASP A 127 -2.24 3.53 0.62
N LEU A 128 -1.15 2.78 0.73
CA LEU A 128 -1.18 1.37 0.38
C LEU A 128 -2.14 0.60 1.28
N LYS A 129 -2.99 -0.24 0.68
CA LYS A 129 -3.75 -1.20 1.47
C LYS A 129 -4.13 -2.36 0.58
N PRO A 130 -4.44 -3.53 1.17
CA PRO A 130 -4.69 -4.73 0.35
C PRO A 130 -5.67 -4.52 -0.79
N GLN A 131 -6.73 -3.76 -0.56
CA GLN A 131 -7.73 -3.63 -1.61
C GLN A 131 -7.26 -2.74 -2.77
N ASN A 132 -6.14 -2.03 -2.61
CA ASN A 132 -5.52 -1.28 -3.72
C ASN A 132 -4.49 -2.09 -4.50
N LEU A 133 -4.28 -3.37 -4.19
CA LEU A 133 -3.25 -4.17 -4.84
C LEU A 133 -3.96 -5.17 -5.77
N LEU A 134 -3.86 -4.95 -7.07
CA LEU A 134 -4.56 -5.78 -8.05
C LEU A 134 -3.70 -6.95 -8.50
N ILE A 135 -4.34 -8.10 -8.72
CA ILE A 135 -3.68 -9.34 -9.12
C ILE A 135 -4.39 -9.94 -10.33
N ASN A 136 -3.64 -10.67 -11.15
CA ASN A 136 -4.25 -11.33 -12.31
C ASN A 136 -3.91 -12.82 -12.28
N THR A 137 -4.46 -13.55 -13.25
CA THR A 137 -4.25 -14.99 -13.38
C THR A 137 -2.80 -15.37 -13.63
N GLU A 138 -1.97 -14.45 -14.06
CA GLU A 138 -0.60 -14.77 -14.43
C GLU A 138 0.40 -14.60 -13.28
N GLY A 139 -0.08 -14.42 -12.05
CA GLY A 139 0.81 -14.26 -10.92
C GLY A 139 1.31 -12.86 -10.67
N ALA A 140 0.77 -11.87 -11.39
CA ALA A 140 1.23 -10.49 -11.25
C ALA A 140 0.44 -9.76 -10.17
N ILE A 141 1.09 -8.78 -9.52
CA ILE A 141 0.42 -7.90 -8.56
C ILE A 141 0.86 -6.47 -8.85
N LYS A 142 -0.07 -5.52 -8.74
CA LYS A 142 0.18 -4.17 -9.23
C LYS A 142 -0.29 -3.14 -8.21
N LEU A 143 0.52 -2.10 -8.03
CA LEU A 143 0.13 -0.96 -7.20
C LEU A 143 -0.98 -0.17 -7.87
N ALA A 144 -2.09 0.06 -7.16
CA ALA A 144 -3.18 0.87 -7.69
C ALA A 144 -3.67 1.88 -6.65
N ASP A 145 -4.51 2.80 -7.13
CA ASP A 145 -5.22 3.74 -6.26
C ASP A 145 -4.23 4.57 -5.45
N PHE A 146 -3.25 5.13 -6.15
CA PHE A 146 -2.27 5.99 -5.50
C PHE A 146 -2.97 7.16 -4.83
N GLY A 147 -2.49 7.53 -3.64
CA GLY A 147 -3.06 8.65 -2.91
C GLY A 147 -2.48 10.00 -3.31
N LEU A 148 -2.53 10.30 -4.61
CA LEU A 148 -1.82 11.42 -5.18
C LEU A 148 -2.64 12.71 -5.18
N ALA A 149 -3.84 12.70 -4.60
CA ALA A 149 -4.71 13.86 -4.66
C ALA A 149 -4.07 15.06 -3.97
N ARG A 150 -3.71 14.90 -2.68
CA ARG A 150 -3.07 15.99 -1.96
C ARG A 150 -1.77 16.41 -2.64
N ALA A 151 -0.87 15.44 -2.89
CA ALA A 151 0.46 15.75 -3.41
C ALA A 151 0.40 16.58 -4.68
N PHE A 152 -0.51 16.25 -5.60
CA PHE A 152 -0.64 16.99 -6.84
C PHE A 152 -1.56 18.20 -6.71
N GLY A 153 -2.29 18.31 -5.61
CA GLY A 153 -3.14 19.47 -5.38
C GLY A 153 -4.47 19.44 -6.09
N VAL A 154 -5.07 18.28 -6.25
CA VAL A 154 -6.39 18.17 -6.84
C VAL A 154 -7.44 18.56 -5.80
N PRO A 155 -8.42 19.42 -6.14
CA PRO A 155 -9.45 19.84 -5.15
C PRO A 155 -10.57 18.82 -5.00
N VAL A 156 -10.28 17.70 -4.35
CA VAL A 156 -11.25 16.62 -4.21
C VAL A 156 -12.35 16.98 -3.22
N VAL A 163 -15.42 5.42 5.16
CA VAL A 163 -14.55 5.70 6.29
C VAL A 163 -13.09 5.34 5.98
N VAL A 164 -12.17 6.22 6.41
CA VAL A 164 -10.76 6.06 6.09
C VAL A 164 -10.17 4.91 6.87
N THR A 165 -9.37 4.08 6.21
CA THR A 165 -8.64 3.02 6.88
C THR A 165 -7.29 3.53 7.32
N LEU A 166 -6.98 3.37 8.60
CA LEU A 166 -5.72 3.84 9.15
C LEU A 166 -4.74 2.71 9.39
N TRP A 167 -5.15 1.48 9.14
CA TRP A 167 -4.44 0.30 9.63
C TRP A 167 -3.02 0.23 9.09
N TYR A 168 -2.77 0.85 7.94
CA TYR A 168 -1.48 0.73 7.27
C TYR A 168 -0.68 2.04 7.29
N ARG A 169 -1.14 3.03 8.07
CA ARG A 169 -0.47 4.33 8.15
C ARG A 169 0.83 4.26 8.95
N ALA A 170 1.89 4.84 8.39
CA ALA A 170 3.17 4.94 9.09
C ALA A 170 3.08 5.84 10.33
N PRO A 171 3.87 5.55 11.35
CA PRO A 171 3.79 6.33 12.60
C PRO A 171 4.15 7.80 12.41
N GLU A 172 5.06 8.13 11.47
CA GLU A 172 5.40 9.54 11.29
C GLU A 172 4.22 10.33 10.70
N ILE A 173 3.36 9.68 9.90
CA ILE A 173 2.15 10.35 9.41
C ILE A 173 1.19 10.59 10.56
N LEU A 174 0.95 9.57 11.38
CA LEU A 174 0.03 9.67 12.52
C LEU A 174 0.52 10.67 13.55
N LEU A 175 1.82 10.87 13.63
CA LEU A 175 2.36 11.84 14.58
C LEU A 175 2.46 13.24 13.99
N GLY A 176 1.87 13.45 12.82
CA GLY A 176 1.74 14.78 12.26
C GLY A 176 2.89 15.27 11.43
N CYS A 177 3.75 14.37 10.95
CA CYS A 177 4.87 14.83 10.12
C CYS A 177 4.31 15.40 8.82
N LYS A 178 4.75 16.58 8.49
CA LYS A 178 4.25 17.21 7.29
C LYS A 178 5.02 16.75 6.06
N TYR A 179 6.32 16.49 6.23
CA TYR A 179 7.19 16.19 5.08
C TYR A 179 7.73 14.76 5.19
N TYR A 180 6.84 13.79 5.00
CA TYR A 180 7.25 12.39 5.09
C TYR A 180 7.75 11.86 3.74
N SER A 181 8.37 10.68 3.79
CA SER A 181 9.24 10.21 2.73
C SER A 181 8.73 8.89 2.15
N THR A 182 9.49 8.36 1.18
CA THR A 182 9.24 7.03 0.64
C THR A 182 9.07 5.99 1.74
N ALA A 183 9.67 6.20 2.90
CA ALA A 183 9.58 5.25 4.01
C ALA A 183 8.14 4.95 4.42
N VAL A 184 7.20 5.86 4.18
CA VAL A 184 5.82 5.59 4.61
C VAL A 184 5.25 4.41 3.82
N ASP A 185 5.66 4.25 2.55
CA ASP A 185 5.14 3.14 1.75
C ASP A 185 5.73 1.81 2.18
N ILE A 186 6.97 1.82 2.63
CA ILE A 186 7.60 0.61 3.16
C ILE A 186 6.86 0.15 4.41
N TRP A 187 6.56 1.09 5.31
CA TRP A 187 5.82 0.73 6.51
C TRP A 187 4.50 0.06 6.12
N SER A 188 3.73 0.70 5.25
CA SER A 188 2.45 0.14 4.84
C SER A 188 2.63 -1.26 4.26
N LEU A 189 3.63 -1.45 3.39
CA LEU A 189 3.85 -2.76 2.80
C LEU A 189 4.28 -3.80 3.84
N GLY A 190 5.01 -3.38 4.87
CA GLY A 190 5.31 -4.29 5.95
C GLY A 190 4.05 -4.78 6.65
N CYS A 191 3.11 -3.88 6.90
CA CYS A 191 1.86 -4.27 7.53
C CYS A 191 1.08 -5.24 6.65
N ILE A 192 1.13 -5.06 5.34
CA ILE A 192 0.43 -5.97 4.43
C ILE A 192 1.12 -7.34 4.41
N PHE A 193 2.46 -7.35 4.33
CA PHE A 193 3.26 -8.57 4.45
C PHE A 193 2.83 -9.38 5.67
N ALA A 194 2.83 -8.74 6.85
CA ALA A 194 2.41 -9.42 8.09
C ALA A 194 1.01 -9.98 7.96
N GLU A 195 0.12 -9.24 7.29
CA GLU A 195 -1.27 -9.70 7.14
C GLU A 195 -1.40 -10.90 6.21
N MET A 196 -0.65 -10.93 5.09
CA MET A 196 -0.62 -12.13 4.26
C MET A 196 -0.15 -13.34 5.04
N VAL A 197 0.86 -13.16 5.89
CA VAL A 197 1.45 -14.28 6.63
C VAL A 197 0.46 -14.79 7.67
N THR A 198 -0.16 -13.90 8.43
CA THR A 198 -0.91 -14.32 9.61
C THR A 198 -2.40 -14.41 9.37
N ARG A 199 -2.89 -13.82 8.28
CA ARG A 199 -4.30 -13.74 7.92
C ARG A 199 -5.10 -12.89 8.90
N ARG A 200 -4.44 -11.96 9.56
CA ARG A 200 -5.05 -10.97 10.44
C ARG A 200 -4.37 -9.64 10.21
N ALA A 201 -5.14 -8.57 10.15
CA ALA A 201 -4.55 -7.24 10.12
C ALA A 201 -3.66 -7.04 11.35
N LEU A 202 -2.46 -6.47 11.14
CA LEU A 202 -1.48 -6.31 12.23
C LEU A 202 -1.93 -5.23 13.22
N PHE A 203 -2.39 -4.09 12.71
CA PHE A 203 -2.70 -2.92 13.53
C PHE A 203 -4.05 -2.33 13.12
N PRO A 204 -5.17 -2.97 13.52
CA PRO A 204 -6.50 -2.49 13.04
C PRO A 204 -7.11 -1.39 13.91
N GLY A 205 -6.53 -0.20 13.85
CA GLY A 205 -6.99 0.89 14.70
C GLY A 205 -8.24 1.55 14.15
N ASP A 206 -9.01 2.16 15.05
CA ASP A 206 -10.24 2.81 14.61
C ASP A 206 -10.20 4.32 14.79
N SER A 207 -9.14 4.85 15.40
CA SER A 207 -8.89 6.29 15.44
C SER A 207 -7.39 6.50 15.25
N GLU A 208 -7.00 7.75 15.03
CA GLU A 208 -5.58 8.01 14.85
C GLU A 208 -4.81 7.67 16.11
N ILE A 209 -5.39 7.97 17.28
CA ILE A 209 -4.70 7.63 18.52
C ILE A 209 -4.82 6.13 18.82
N ASP A 210 -5.92 5.49 18.42
CA ASP A 210 -5.98 4.05 18.63
C ASP A 210 -4.99 3.33 17.73
N GLN A 211 -4.79 3.86 16.52
CA GLN A 211 -3.82 3.29 15.60
C GLN A 211 -2.42 3.43 16.19
N LEU A 212 -2.11 4.62 16.68
CA LEU A 212 -0.80 4.85 17.29
C LEU A 212 -0.58 3.92 18.47
N PHE A 213 -1.59 3.76 19.33
CA PHE A 213 -1.39 2.96 20.54
C PHE A 213 -1.29 1.47 20.23
N ARG A 214 -2.00 0.99 19.21
CA ARG A 214 -1.83 -0.41 18.81
C ARG A 214 -0.41 -0.67 18.33
N ILE A 215 0.15 0.26 17.56
CA ILE A 215 1.55 0.15 17.14
C ILE A 215 2.48 0.14 18.35
N PHE A 216 2.26 1.07 19.29
CA PHE A 216 3.11 1.15 20.48
C PHE A 216 3.01 -0.11 21.32
N ARG A 217 1.80 -0.67 21.44
CA ARG A 217 1.65 -1.84 22.30
C ARG A 217 2.44 -3.03 21.74
N THR A 218 2.67 -3.05 20.43
CA THR A 218 3.39 -4.15 19.82
C THR A 218 4.88 -3.87 19.71
N LEU A 219 5.26 -2.72 19.14
CA LEU A 219 6.65 -2.39 18.88
C LEU A 219 7.30 -1.57 20.00
N GLY A 220 6.55 -1.22 21.04
CA GLY A 220 7.06 -0.38 22.11
C GLY A 220 6.78 1.08 21.82
N THR A 221 6.47 1.86 22.85
CA THR A 221 6.36 3.31 22.66
C THR A 221 7.71 3.84 22.16
N PRO A 222 7.76 4.54 21.02
CA PRO A 222 9.04 5.06 20.53
C PRO A 222 9.57 6.16 21.44
N ASP A 223 10.90 6.29 21.49
CA ASP A 223 11.56 7.36 22.25
C ASP A 223 12.77 7.82 21.45
N GLU A 224 13.56 8.72 22.04
CA GLU A 224 14.71 9.27 21.35
C GLU A 224 15.81 8.24 21.13
N VAL A 225 15.78 7.13 21.86
CA VAL A 225 16.80 6.10 21.68
C VAL A 225 16.64 5.43 20.33
N VAL A 226 15.41 5.02 19.99
CA VAL A 226 15.21 4.32 18.72
C VAL A 226 14.83 5.26 17.58
N TRP A 227 14.30 6.44 17.88
CA TRP A 227 13.79 7.37 16.87
C TRP A 227 14.15 8.79 17.27
N PRO A 228 15.38 9.22 16.96
CA PRO A 228 15.79 10.59 17.32
C PRO A 228 14.83 11.62 16.75
N GLY A 229 14.41 12.57 17.61
CA GLY A 229 13.50 13.61 17.21
C GLY A 229 12.04 13.25 17.31
N VAL A 230 11.71 12.02 17.70
CA VAL A 230 10.29 11.61 17.76
C VAL A 230 9.53 12.48 18.75
N THR A 231 10.19 12.89 19.87
CA THR A 231 9.51 13.61 20.93
C THR A 231 9.23 15.05 20.54
N SER A 232 9.81 15.52 19.44
CA SER A 232 9.61 16.86 18.93
C SER A 232 8.57 16.90 17.84
N MET A 233 7.91 15.80 17.55
CA MET A 233 7.04 15.73 16.38
C MET A 233 5.70 16.39 16.69
N PRO A 234 5.00 16.91 15.65
CA PRO A 234 3.85 17.79 15.91
C PRO A 234 2.79 17.24 16.86
N ASP A 235 2.46 15.95 16.79
CA ASP A 235 1.39 15.41 17.63
C ASP A 235 1.92 14.51 18.73
N TYR A 236 3.24 14.45 18.91
CA TYR A 236 3.80 13.66 19.99
C TYR A 236 3.43 14.31 21.33
N LYS A 237 2.98 13.49 22.27
CA LYS A 237 2.67 13.95 23.62
C LYS A 237 3.57 13.23 24.63
N PRO A 238 4.27 13.95 25.50
CA PRO A 238 5.04 13.27 26.55
C PRO A 238 4.18 12.37 27.41
N SER A 239 2.87 12.57 27.39
CA SER A 239 1.96 11.80 28.21
C SER A 239 1.57 10.46 27.57
N PHE A 240 2.03 10.17 26.35
CA PHE A 240 1.80 8.85 25.77
C PHE A 240 2.20 7.77 26.77
N PRO A 241 1.39 6.73 26.95
CA PRO A 241 1.83 5.61 27.80
C PRO A 241 3.08 4.97 27.22
N LYS A 242 3.93 4.46 28.11
CA LYS A 242 5.21 3.85 27.74
C LYS A 242 5.04 2.33 27.77
N TRP A 243 4.71 1.75 26.62
CA TRP A 243 4.64 0.29 26.49
C TRP A 243 6.00 -0.29 26.14
N ALA A 244 6.35 -1.40 26.80
CA ALA A 244 7.51 -2.19 26.39
C ALA A 244 7.30 -2.79 25.02
N ARG A 245 8.38 -2.92 24.26
CA ARG A 245 8.33 -3.69 23.03
C ARG A 245 8.17 -5.17 23.38
N GLN A 246 7.16 -5.82 22.79
CA GLN A 246 6.97 -7.26 23.01
C GLN A 246 7.83 -8.04 22.02
N ASP A 247 8.18 -9.28 22.37
CA ASP A 247 9.18 -9.95 21.55
C ASP A 247 8.62 -10.17 20.15
N PHE A 248 9.46 -9.93 19.15
CA PHE A 248 8.99 -9.94 17.76
C PHE A 248 8.56 -11.33 17.30
N SER A 249 8.82 -12.37 18.09
CA SER A 249 8.42 -13.74 17.77
C SER A 249 6.92 -13.93 17.80
N LYS A 250 6.20 -13.07 18.53
CA LYS A 250 4.75 -13.09 18.57
C LYS A 250 4.12 -12.44 17.36
N VAL A 251 4.88 -11.69 16.56
CA VAL A 251 4.26 -10.80 15.57
C VAL A 251 3.74 -11.57 14.36
N VAL A 252 4.61 -12.34 13.71
CA VAL A 252 4.20 -13.08 12.52
C VAL A 252 4.56 -14.56 12.67
N PRO A 253 4.18 -15.16 13.80
CA PRO A 253 4.88 -16.35 14.34
C PRO A 253 5.45 -17.30 13.30
N PRO A 254 4.62 -17.89 12.41
CA PRO A 254 5.16 -19.01 11.63
C PRO A 254 6.39 -18.64 10.83
N LEU A 255 6.44 -17.40 10.36
CA LEU A 255 7.44 -16.95 9.41
C LEU A 255 8.86 -17.23 9.89
N ASP A 256 9.72 -17.67 8.96
CA ASP A 256 11.12 -17.97 9.25
C ASP A 256 11.91 -16.69 9.55
N GLU A 257 13.12 -16.87 10.08
CA GLU A 257 13.93 -15.72 10.50
C GLU A 257 14.29 -14.79 9.33
N ASP A 258 14.44 -15.31 8.10
CA ASP A 258 14.66 -14.38 6.99
C ASP A 258 13.47 -13.45 6.82
N GLY A 259 12.26 -14.01 6.85
CA GLY A 259 11.07 -13.19 6.71
C GLY A 259 10.89 -12.22 7.86
N ARG A 260 11.08 -12.70 9.10
CA ARG A 260 10.94 -11.84 10.27
C ARG A 260 11.97 -10.72 10.24
N SER A 261 13.20 -11.04 9.89
CA SER A 261 14.26 -10.03 9.79
C SER A 261 13.86 -8.94 8.80
N LEU A 262 13.41 -9.34 7.61
CA LEU A 262 12.99 -8.34 6.64
C LEU A 262 11.85 -7.50 7.17
N LEU A 263 10.84 -8.14 7.78
CA LEU A 263 9.71 -7.39 8.33
C LEU A 263 10.18 -6.38 9.38
N SER A 264 11.06 -6.81 10.28
CA SER A 264 11.50 -5.90 11.35
C SER A 264 12.17 -4.66 10.76
N GLN A 265 12.92 -4.80 9.66
CA GLN A 265 13.51 -3.64 9.02
C GLN A 265 12.48 -2.80 8.29
N MET A 266 11.39 -3.41 7.83
CA MET A 266 10.31 -2.65 7.22
C MET A 266 9.50 -1.89 8.26
N LEU A 267 9.52 -2.34 9.52
CA LEU A 267 8.72 -1.69 10.55
C LEU A 267 9.59 -0.90 11.54
N HIS A 268 10.81 -0.53 11.15
CA HIS A 268 11.59 0.38 11.98
C HIS A 268 10.84 1.68 12.21
N TYR A 269 10.85 2.14 13.46
CA TYR A 269 10.21 3.41 13.78
C TYR A 269 10.85 4.56 13.01
N ASP A 270 12.17 4.60 13.00
CA ASP A 270 12.91 5.72 12.43
C ASP A 270 12.89 5.64 10.92
N PRO A 271 12.22 6.57 10.22
CA PRO A 271 12.18 6.47 8.74
C PRO A 271 13.55 6.44 8.10
N ASN A 272 14.55 7.02 8.76
CA ASN A 272 15.92 6.97 8.25
C ASN A 272 16.54 5.59 8.39
N LYS A 273 15.99 4.76 9.27
CA LYS A 273 16.56 3.44 9.44
C LYS A 273 15.72 2.40 8.71
N ARG A 274 14.47 2.73 8.38
CA ARG A 274 13.58 1.82 7.68
C ARG A 274 14.17 1.44 6.34
N ILE A 275 14.13 0.15 6.00
CA ILE A 275 14.78 -0.31 4.79
C ILE A 275 14.12 0.32 3.54
N SER A 276 14.92 0.56 2.50
CA SER A 276 14.33 1.05 1.26
C SER A 276 13.80 -0.11 0.43
N ALA A 277 12.95 0.21 -0.56
CA ALA A 277 12.46 -0.83 -1.45
C ALA A 277 13.62 -1.49 -2.18
N LYS A 278 14.55 -0.67 -2.67
CA LYS A 278 15.70 -1.17 -3.42
C LYS A 278 16.54 -2.10 -2.56
N ALA A 279 16.86 -1.68 -1.33
CA ALA A 279 17.64 -2.57 -0.48
C ALA A 279 16.86 -3.82 -0.09
N ALA A 280 15.54 -3.71 0.11
CA ALA A 280 14.77 -4.87 0.51
C ALA A 280 14.79 -5.95 -0.57
N LEU A 281 14.88 -5.54 -1.83
CA LEU A 281 14.95 -6.52 -2.93
C LEU A 281 16.19 -7.38 -2.83
N ALA A 282 17.25 -6.89 -2.17
CA ALA A 282 18.46 -7.68 -2.00
C ALA A 282 18.46 -8.49 -0.71
N HIS A 283 17.41 -8.42 0.10
CA HIS A 283 17.39 -9.15 1.36
C HIS A 283 17.43 -10.66 1.10
N PRO A 284 18.11 -11.43 1.97
CA PRO A 284 18.19 -12.90 1.77
C PRO A 284 16.86 -13.63 1.71
N PHE A 285 15.79 -13.03 2.24
CA PHE A 285 14.47 -13.66 2.14
C PHE A 285 14.09 -13.98 0.70
N PHE A 286 14.58 -13.19 -0.26
CA PHE A 286 14.22 -13.35 -1.66
C PHE A 286 15.22 -14.19 -2.45
N GLN A 287 16.10 -14.92 -1.77
CA GLN A 287 17.10 -15.73 -2.48
C GLN A 287 16.45 -16.84 -3.32
N ASP A 288 15.38 -17.45 -2.80
CA ASP A 288 14.67 -18.52 -3.50
C ASP A 288 13.36 -18.06 -4.10
N VAL A 289 13.26 -16.79 -4.50
CA VAL A 289 11.98 -16.26 -4.93
C VAL A 289 11.61 -16.83 -6.31
N THR A 290 10.33 -17.13 -6.48
CA THR A 290 9.78 -17.68 -7.71
C THR A 290 8.52 -16.89 -8.01
N LYS A 291 7.87 -17.21 -9.13
CA LYS A 291 6.61 -16.54 -9.49
C LYS A 291 5.54 -17.60 -9.64
N PRO A 292 4.86 -18.00 -8.56
CA PRO A 292 3.76 -18.95 -8.67
C PRO A 292 2.54 -18.25 -9.25
N VAL A 293 1.57 -19.06 -9.62
CA VAL A 293 0.31 -18.58 -10.21
C VAL A 293 -0.80 -18.80 -9.20
N PRO A 294 -1.57 -17.77 -8.86
CA PRO A 294 -2.65 -17.94 -7.89
C PRO A 294 -3.81 -18.68 -8.52
N HIS A 295 -4.66 -19.23 -7.69
CA HIS A 295 -5.84 -19.89 -8.20
C HIS A 295 -7.03 -18.97 -7.88
N LEU A 296 -7.53 -18.33 -8.93
CA LEU A 296 -8.46 -17.22 -8.85
C LEU A 296 -9.80 -17.64 -9.38
N ARG A 297 -10.85 -17.28 -8.65
CA ARG A 297 -12.23 -17.50 -9.05
C ARG A 297 -12.79 -16.13 -9.46
N LEU A 298 -12.99 -15.95 -10.76
CA LEU A 298 -13.52 -14.68 -11.25
C LEU A 298 -14.99 -14.78 -11.57
C1 EDO B . -4.35 -11.74 -18.00
O1 EDO B . -5.61 -11.82 -17.32
C2 EDO B . -4.62 -11.05 -19.32
O2 EDO B . -3.42 -10.66 -19.99
C1 EDO C . 18.14 2.38 3.10
O1 EDO C . 17.90 0.96 3.08
C2 EDO C . 17.31 2.96 4.23
O2 EDO C . 17.82 2.43 5.47
C13 8IQ D . -3.09 8.01 -9.95
C15 8IQ D . -1.13 6.79 -10.84
C17 8IQ D . 0.62 5.41 -12.05
C20 8IQ D . 2.83 5.59 -12.48
C21 8IQ D . 1.90 5.67 -11.45
C22 8IQ D . 2.33 5.96 -10.15
C24 8IQ D . 4.63 6.07 -10.91
C02 8IQ D . -4.92 6.76 -8.80
C03 8IQ D . -4.27 8.08 -9.22
C04 8IQ D . -4.78 9.32 -8.88
C05 8IQ D . -4.10 10.48 -9.30
C07 8IQ D . -5.71 12.06 -8.39
C11 8IQ D . -2.93 10.38 -10.03
C12 8IQ D . -2.44 9.15 -10.37
C16 8IQ D . -0.74 5.39 -11.35
C18 8IQ D . 0.86 5.19 -13.40
C23 8IQ D . 3.70 6.16 -9.89
C25 8IQ D . 4.19 5.78 -12.22
F08 8IQ D . -5.63 11.56 -7.15
F09 8IQ D . -5.96 13.37 -8.32
F10 8IQ D . -6.68 11.52 -9.11
N14 8IQ D . -2.49 6.76 -10.34
N19 8IQ D . 2.17 5.28 -13.61
O01 8IQ D . -4.24 5.70 -8.83
O06 8IQ D . -4.49 11.83 -9.04
O26 8IQ D . -6.12 6.69 -8.44
#